data_5O43
#
_entry.id   5O43
#
_cell.length_a   91.572
_cell.length_b   91.572
_cell.length_c   133.090
_cell.angle_alpha   90.00
_cell.angle_beta   90.00
_cell.angle_gamma   90.00
#
_symmetry.space_group_name_H-M   'I 4 2 2'
#
loop_
_entity.id
_entity.type
_entity.pdbx_description
1 polymer '17-beta-hydroxysteroid dehydrogenase 14'
2 non-polymer 'SODIUM ION'
3 non-polymer NICOTINAMIDE-ADENINE-DINUCLEOTIDE
4 non-polymer beta-D-glucopyranose
5 non-polymer 2-fluoranyl-3-[6-[(4-fluoranyl-3-oxidanyl-phenyl)-methyl-amino]pyridin-2-yl]phenol
6 water water
#
_entity_poly.entity_id   1
_entity_poly.type   'polypeptide(L)'
_entity_poly.pdbx_seq_one_letter_code
;GHMATGTRYAGKVVVVTGGGRGIGAGIVRAFVNSGARVVICDKDESGGRALEQELPGAVFILCDVTQEDDVKTLVSETIR
RFGRLDCVVNNAGHHPPPQRPEETSAQGFRQLLELNLLGTYTLTKLALPYLRKSQGNVINISSLVGAIGQAQAVPYVATK
GAVTAMTKALALDESPYGVRVNCISPGNIWTPLWEELAALMPDPRATIREGMLAQPLGRMGQPAEVGAAAVFLASEANFC
TGIELLVTGGAELGYGCKASRSTPVDAPDIPSGS
;
_entity_poly.pdbx_strand_id   A
#
loop_
_chem_comp.id
_chem_comp.type
_chem_comp.name
_chem_comp.formula
9JQ non-polymer 2-fluoranyl-3-[6-[(4-fluoranyl-3-oxidanyl-phenyl)-methyl-amino]pyridin-2-yl]phenol 'C18 H14 F2 N2 O2'
BGC D-saccharide, beta linking beta-D-glucopyranose 'C6 H12 O6'
NA non-polymer 'SODIUM ION' 'Na 1'
NAD non-polymer NICOTINAMIDE-ADENINE-DINUCLEOTIDE 'C21 H27 N7 O14 P2'
#
# COMPACT_ATOMS: atom_id res chain seq x y z
N GLY A 6 -16.06 10.87 10.94
CA GLY A 6 -16.67 9.70 11.53
C GLY A 6 -17.74 9.06 10.68
N THR A 7 -18.17 9.76 9.62
CA THR A 7 -19.22 9.27 8.73
C THR A 7 -18.86 9.30 7.25
N ARG A 8 -17.66 9.77 6.88
CA ARG A 8 -17.32 9.94 5.47
C ARG A 8 -17.38 8.63 4.72
N TYR A 9 -17.13 7.51 5.38
CA TYR A 9 -17.15 6.22 4.70
C TYR A 9 -17.96 5.22 5.50
N ALA A 10 -19.01 5.72 6.15
CA ALA A 10 -19.90 4.88 6.94
C ALA A 10 -20.60 3.85 6.06
N GLY A 11 -20.77 2.65 6.62
CA GLY A 11 -21.46 1.57 5.95
C GLY A 11 -20.64 0.86 4.90
N LYS A 12 -19.37 1.23 4.72
CA LYS A 12 -18.52 0.64 3.71
C LYS A 12 -17.57 -0.39 4.32
N VAL A 13 -17.09 -1.29 3.48
CA VAL A 13 -16.20 -2.37 3.89
C VAL A 13 -14.90 -2.27 3.10
N VAL A 14 -13.78 -2.27 3.81
CA VAL A 14 -12.45 -2.04 3.25
C VAL A 14 -11.52 -3.18 3.64
N VAL A 15 -10.72 -3.65 2.68
CA VAL A 15 -9.65 -4.61 2.94
C VAL A 15 -8.33 -3.88 2.79
N VAL A 16 -7.46 -3.99 3.81
CA VAL A 16 -6.11 -3.41 3.75
C VAL A 16 -5.10 -4.54 3.88
N THR A 17 -4.30 -4.73 2.84
CA THR A 17 -3.22 -5.71 2.92
C THR A 17 -1.99 -5.11 3.59
N GLY A 18 -1.25 -5.98 4.26
CA GLY A 18 -0.14 -5.52 5.08
C GLY A 18 -0.59 -4.54 6.13
N GLY A 19 -1.79 -4.76 6.70
CA GLY A 19 -2.36 -3.80 7.62
C GLY A 19 -1.91 -3.91 9.06
N GLY A 20 -0.99 -4.82 9.38
CA GLY A 20 -0.64 -5.05 10.78
C GLY A 20 0.31 -4.05 11.41
N ARG A 21 1.07 -3.29 10.59
CA ARG A 21 1.99 -2.29 11.11
C ARG A 21 2.25 -1.25 10.02
N GLY A 22 2.99 -0.21 10.38
CA GLY A 22 3.48 0.73 9.38
C GLY A 22 2.37 1.49 8.69
N ILE A 23 2.56 1.75 7.39
CA ILE A 23 1.57 2.50 6.62
C ILE A 23 0.22 1.78 6.65
N GLY A 24 0.24 0.45 6.48
CA GLY A 24 -1.00 -0.31 6.47
C GLY A 24 -1.84 -0.09 7.71
N ALA A 25 -1.18 -0.12 8.89
CA ALA A 25 -1.92 0.11 10.12
C ALA A 25 -2.47 1.53 10.17
N GLY A 26 -1.69 2.50 9.66
CA GLY A 26 -2.20 3.87 9.57
C GLY A 26 -3.43 3.96 8.70
N ILE A 27 -3.44 3.22 7.58
CA ILE A 27 -4.60 3.22 6.71
C ILE A 27 -5.79 2.58 7.38
N VAL A 28 -5.58 1.44 8.07
CA VAL A 28 -6.65 0.80 8.82
C VAL A 28 -7.28 1.80 9.79
N ARG A 29 -6.44 2.48 10.57
CA ARG A 29 -6.98 3.41 11.57
C ARG A 29 -7.78 4.52 10.90
N ALA A 30 -7.27 5.04 9.79
CA ALA A 30 -7.97 6.13 9.11
C ALA A 30 -9.33 5.69 8.61
N PHE A 31 -9.44 4.48 8.07
CA PHE A 31 -10.73 4.02 7.61
C PHE A 31 -11.69 3.72 8.76
N VAL A 32 -11.21 3.11 9.84
CA VAL A 32 -12.08 2.91 10.99
C VAL A 32 -12.60 4.26 11.49
N ASN A 33 -11.72 5.26 11.57
CA ASN A 33 -12.13 6.58 12.03
C ASN A 33 -13.13 7.24 11.08
N SER A 34 -13.18 6.82 9.82
CA SER A 34 -14.14 7.35 8.86
C SER A 34 -15.47 6.62 8.89
N GLY A 35 -15.61 5.61 9.75
CA GLY A 35 -16.87 4.88 9.88
C GLY A 35 -16.94 3.56 9.15
N ALA A 36 -15.86 3.12 8.50
CA ALA A 36 -15.88 1.89 7.74
C ALA A 36 -15.58 0.69 8.64
N ARG A 37 -16.01 -0.48 8.19
CA ARG A 37 -15.50 -1.74 8.72
C ARG A 37 -14.30 -2.17 7.89
N VAL A 38 -13.25 -2.61 8.58
CA VAL A 38 -11.98 -2.87 7.92
C VAL A 38 -11.55 -4.29 8.19
N VAL A 39 -11.10 -4.98 7.14
CA VAL A 39 -10.43 -6.27 7.25
C VAL A 39 -8.93 -6.02 7.12
N ILE A 40 -8.21 -6.37 8.17
CA ILE A 40 -6.76 -6.26 8.21
C ILE A 40 -6.22 -7.58 7.70
N CYS A 41 -5.52 -7.55 6.55
CA CYS A 41 -4.83 -8.71 6.02
C CYS A 41 -3.35 -8.55 6.33
N ASP A 42 -2.73 -9.60 6.84
CA ASP A 42 -1.28 -9.60 6.97
C ASP A 42 -0.80 -11.04 7.01
N LYS A 43 0.45 -11.25 6.61
CA LYS A 43 1.06 -12.57 6.71
C LYS A 43 1.55 -12.85 8.12
N ASP A 44 1.71 -11.83 8.96
N ASP A 44 1.63 -11.82 8.96
CA ASP A 44 2.16 -12.02 10.32
CA ASP A 44 2.15 -11.90 10.33
C ASP A 44 1.04 -11.66 11.28
C ASP A 44 1.01 -11.64 11.29
N GLU A 45 0.91 -12.47 12.34
CA GLU A 45 -0.22 -12.35 13.26
C GLU A 45 -0.06 -11.23 14.28
N SER A 46 1.17 -10.87 14.64
CA SER A 46 1.40 -10.14 15.89
C SER A 46 0.69 -8.79 15.90
N GLY A 47 1.04 -7.93 14.94
CA GLY A 47 0.49 -6.58 14.92
C GLY A 47 -0.98 -6.56 14.58
N GLY A 48 -1.39 -7.32 13.56
CA GLY A 48 -2.77 -7.29 13.12
C GLY A 48 -3.75 -7.84 14.14
N ARG A 49 -3.34 -8.86 14.90
CA ARG A 49 -4.23 -9.40 15.91
C ARG A 49 -4.46 -8.38 17.02
N ALA A 50 -3.40 -7.69 17.42
CA ALA A 50 -3.54 -6.67 18.45
C ALA A 50 -4.41 -5.53 17.94
N LEU A 51 -4.25 -5.17 16.66
CA LEU A 51 -5.03 -4.09 16.10
C LEU A 51 -6.53 -4.43 16.08
N GLU A 52 -6.86 -5.70 15.81
N GLU A 52 -6.88 -5.70 15.78
CA GLU A 52 -8.25 -6.15 15.86
CA GLU A 52 -8.27 -6.11 15.88
C GLU A 52 -8.84 -5.99 17.26
C GLU A 52 -8.81 -5.89 17.28
N GLN A 53 -8.06 -6.31 18.30
CA GLN A 53 -8.55 -6.15 19.67
C GLN A 53 -8.70 -4.68 20.02
N GLU A 54 -7.84 -3.83 19.47
CA GLU A 54 -7.83 -2.42 19.80
C GLU A 54 -9.00 -1.68 19.17
N LEU A 55 -9.31 -2.00 17.91
CA LEU A 55 -10.25 -1.19 17.11
C LEU A 55 -11.57 -1.91 16.92
N PRO A 56 -12.64 -1.43 17.53
CA PRO A 56 -13.97 -1.87 17.11
C PRO A 56 -14.19 -1.47 15.67
N GLY A 57 -14.61 -2.40 14.89
CA GLY A 57 -14.79 -2.16 13.47
C GLY A 57 -13.69 -2.74 12.60
N ALA A 58 -12.57 -3.16 13.17
CA ALA A 58 -11.54 -3.87 12.43
C ALA A 58 -11.41 -5.31 12.89
N VAL A 59 -11.19 -6.21 11.93
CA VAL A 59 -10.93 -7.62 12.20
C VAL A 59 -9.72 -8.03 11.41
N PHE A 60 -9.06 -9.07 11.89
CA PHE A 60 -7.84 -9.57 11.29
C PHE A 60 -8.05 -10.92 10.62
N ILE A 61 -7.52 -11.04 9.40
CA ILE A 61 -7.50 -12.29 8.65
C ILE A 61 -6.07 -12.54 8.20
N LEU A 62 -5.51 -13.68 8.65
CA LEU A 62 -4.17 -14.07 8.23
C LEU A 62 -4.21 -14.43 6.75
N CYS A 63 -3.36 -13.77 5.97
CA CYS A 63 -3.36 -13.97 4.53
C CYS A 63 -2.04 -13.49 3.98
N ASP A 64 -1.34 -14.38 3.29
CA ASP A 64 -0.13 -14.04 2.54
C ASP A 64 -0.55 -13.75 1.10
N VAL A 65 -0.37 -12.51 0.65
CA VAL A 65 -0.89 -12.09 -0.65
C VAL A 65 -0.20 -12.77 -1.82
N THR A 66 0.94 -13.44 -1.61
CA THR A 66 1.61 -14.21 -2.67
C THR A 66 1.00 -15.60 -2.84
N GLN A 67 0.05 -15.97 -2.00
CA GLN A 67 -0.53 -17.31 -2.01
C GLN A 67 -1.97 -17.16 -2.49
N GLU A 68 -2.24 -17.64 -3.71
CA GLU A 68 -3.53 -17.33 -4.34
C GLU A 68 -4.70 -17.84 -3.51
N ASP A 69 -4.55 -18.99 -2.86
CA ASP A 69 -5.65 -19.56 -2.09
C ASP A 69 -5.90 -18.79 -0.79
N ASP A 70 -4.84 -18.23 -0.20
CA ASP A 70 -5.01 -17.28 0.92
C ASP A 70 -5.86 -16.09 0.48
N VAL A 71 -5.62 -15.56 -0.71
CA VAL A 71 -6.32 -14.37 -1.17
C VAL A 71 -7.76 -14.70 -1.53
N LYS A 72 -7.99 -15.86 -2.17
N LYS A 72 -7.99 -15.86 -2.17
CA LYS A 72 -9.36 -16.29 -2.43
CA LYS A 72 -9.37 -16.29 -2.42
C LYS A 72 -10.17 -16.35 -1.14
C LYS A 72 -10.16 -16.34 -1.13
N THR A 73 -9.57 -16.92 -0.08
CA THR A 73 -10.26 -17.03 1.20
C THR A 73 -10.46 -15.66 1.83
N LEU A 74 -9.48 -14.76 1.68
CA LEU A 74 -9.63 -13.41 2.22
C LEU A 74 -10.87 -12.74 1.66
N VAL A 75 -11.07 -12.82 0.35
CA VAL A 75 -12.23 -12.21 -0.28
C VAL A 75 -13.51 -12.91 0.14
N SER A 76 -13.53 -14.25 0.09
CA SER A 76 -14.77 -14.95 0.41
C SER A 76 -15.17 -14.73 1.87
N GLU A 77 -14.19 -14.68 2.78
CA GLU A 77 -14.50 -14.43 4.18
C GLU A 77 -14.96 -12.98 4.40
N THR A 78 -14.39 -12.02 3.68
CA THR A 78 -14.86 -10.63 3.78
C THR A 78 -16.33 -10.54 3.40
N ILE A 79 -16.71 -11.17 2.28
CA ILE A 79 -18.10 -11.15 1.83
C ILE A 79 -18.99 -11.92 2.79
N ARG A 80 -18.54 -13.09 3.25
CA ARG A 80 -19.36 -13.89 4.15
C ARG A 80 -19.64 -13.12 5.43
N ARG A 81 -18.63 -12.40 5.94
CA ARG A 81 -18.78 -11.77 7.25
C ARG A 81 -19.48 -10.41 7.18
N PHE A 82 -19.30 -9.66 6.09
CA PHE A 82 -19.76 -8.28 6.04
C PHE A 82 -20.69 -7.96 4.87
N GLY A 83 -20.87 -8.86 3.92
CA GLY A 83 -21.92 -8.72 2.93
C GLY A 83 -21.64 -7.81 1.75
N ARG A 84 -20.46 -7.21 1.66
CA ARG A 84 -20.14 -6.28 0.59
C ARG A 84 -18.66 -5.98 0.68
N LEU A 85 -18.12 -5.42 -0.39
CA LEU A 85 -16.74 -4.97 -0.42
C LEU A 85 -16.67 -3.70 -1.25
N ASP A 86 -16.15 -2.61 -0.67
CA ASP A 86 -16.14 -1.29 -1.28
C ASP A 86 -14.77 -0.78 -1.70
N CYS A 87 -13.72 -1.24 -1.03
CA CYS A 87 -12.40 -0.69 -1.28
C CYS A 87 -11.34 -1.71 -0.91
N VAL A 88 -10.35 -1.82 -1.78
N VAL A 88 -10.40 -1.94 -1.81
CA VAL A 88 -9.19 -2.70 -1.58
CA VAL A 88 -9.21 -2.71 -1.50
C VAL A 88 -7.95 -1.83 -1.60
C VAL A 88 -8.03 -1.76 -1.52
N VAL A 89 -7.19 -1.85 -0.50
CA VAL A 89 -5.95 -1.09 -0.41
C VAL A 89 -4.81 -2.09 -0.46
N ASN A 90 -4.06 -2.06 -1.57
CA ASN A 90 -2.96 -2.99 -1.79
C ASN A 90 -1.69 -2.33 -1.27
N ASN A 91 -1.42 -2.55 0.01
CA ASN A 91 -0.32 -1.95 0.73
C ASN A 91 0.83 -2.92 1.01
N ALA A 92 0.55 -4.21 1.16
CA ALA A 92 1.64 -5.17 1.41
C ALA A 92 2.76 -5.03 0.39
N GLY A 93 3.99 -5.02 0.89
CA GLY A 93 5.14 -4.88 0.01
C GLY A 93 6.38 -4.83 0.87
N HIS A 94 7.54 -4.87 0.20
CA HIS A 94 8.79 -4.88 0.93
C HIS A 94 9.86 -4.14 0.13
N HIS A 95 10.78 -3.52 0.85
CA HIS A 95 11.99 -2.96 0.25
C HIS A 95 13.18 -3.77 0.74
N PRO A 96 13.91 -4.46 -0.12
CA PRO A 96 15.11 -5.18 0.30
C PRO A 96 16.18 -4.22 0.76
N PRO A 97 17.21 -4.68 1.44
CA PRO A 97 18.33 -3.82 1.73
C PRO A 97 18.95 -3.29 0.45
N PRO A 98 19.68 -2.18 0.55
CA PRO A 98 20.45 -1.68 -0.60
C PRO A 98 21.25 -2.79 -1.25
N GLN A 99 21.16 -2.87 -2.58
CA GLN A 99 21.86 -3.88 -3.37
C GLN A 99 22.37 -3.24 -4.65
N ARG A 100 23.68 -3.35 -4.87
CA ARG A 100 24.25 -2.91 -6.14
C ARG A 100 23.68 -3.76 -7.25
N PRO A 101 23.57 -3.22 -8.47
CA PRO A 101 22.93 -4.01 -9.53
C PRO A 101 23.57 -5.38 -9.71
N GLU A 102 24.91 -5.45 -9.65
CA GLU A 102 25.58 -6.72 -9.88
C GLU A 102 25.38 -7.72 -8.74
N GLU A 103 24.87 -7.27 -7.59
CA GLU A 103 24.57 -8.13 -6.46
C GLU A 103 23.14 -8.64 -6.47
N THR A 104 22.28 -8.12 -7.35
CA THR A 104 20.92 -8.64 -7.48
C THR A 104 20.93 -9.93 -8.29
N SER A 105 19.82 -10.66 -8.21
CA SER A 105 19.64 -11.87 -9.00
C SER A 105 18.26 -11.89 -9.64
N ALA A 106 18.15 -12.62 -10.76
CA ALA A 106 16.84 -12.77 -11.38
C ALA A 106 15.87 -13.42 -10.42
N GLN A 107 16.33 -14.36 -9.61
CA GLN A 107 15.41 -15.04 -8.70
C GLN A 107 14.92 -14.11 -7.60
N GLY A 108 15.83 -13.29 -7.04
CA GLY A 108 15.39 -12.31 -6.06
C GLY A 108 14.42 -11.31 -6.65
N PHE A 109 14.66 -10.92 -7.91
CA PHE A 109 13.77 -10.01 -8.62
C PHE A 109 12.40 -10.65 -8.82
N ARG A 110 12.35 -11.92 -9.24
CA ARG A 110 11.08 -12.62 -9.37
C ARG A 110 10.33 -12.64 -8.05
N GLN A 111 11.03 -12.92 -6.96
CA GLN A 111 10.36 -13.01 -5.66
C GLN A 111 9.79 -11.65 -5.26
N LEU A 112 10.52 -10.57 -5.51
CA LEU A 112 10.00 -9.26 -5.16
C LEU A 112 8.82 -8.87 -6.03
N LEU A 113 8.85 -9.24 -7.32
CA LEU A 113 7.69 -9.03 -8.17
C LEU A 113 6.48 -9.80 -7.65
N GLU A 114 6.69 -11.01 -7.10
N GLU A 114 6.71 -10.98 -7.08
CA GLU A 114 5.56 -11.77 -6.58
CA GLU A 114 5.60 -11.80 -6.59
C GLU A 114 4.83 -11.00 -5.51
C GLU A 114 4.86 -11.08 -5.47
N LEU A 115 5.59 -10.38 -4.61
CA LEU A 115 4.95 -9.63 -3.52
C LEU A 115 4.46 -8.27 -3.99
N ASN A 116 5.36 -7.42 -4.46
CA ASN A 116 5.02 -6.02 -4.67
C ASN A 116 4.10 -5.81 -5.85
N LEU A 117 4.13 -6.69 -6.84
CA LEU A 117 3.32 -6.53 -8.04
C LEU A 117 2.20 -7.55 -8.15
N LEU A 118 2.54 -8.84 -8.14
CA LEU A 118 1.54 -9.86 -8.41
C LEU A 118 0.55 -10.05 -7.26
N GLY A 119 0.97 -9.81 -6.01
CA GLY A 119 0.01 -9.88 -4.90
C GLY A 119 -1.07 -8.82 -5.03
N THR A 120 -0.67 -7.61 -5.45
CA THR A 120 -1.61 -6.54 -5.75
C THR A 120 -2.52 -6.95 -6.89
N TYR A 121 -1.94 -7.51 -7.96
CA TYR A 121 -2.74 -7.97 -9.08
C TYR A 121 -3.77 -9.01 -8.67
N THR A 122 -3.36 -10.00 -7.86
CA THR A 122 -4.24 -11.12 -7.51
C THR A 122 -5.43 -10.68 -6.68
N LEU A 123 -5.18 -9.92 -5.61
CA LEU A 123 -6.30 -9.46 -4.80
C LEU A 123 -7.24 -8.59 -5.62
N THR A 124 -6.68 -7.69 -6.42
CA THR A 124 -7.54 -6.82 -7.21
C THR A 124 -8.44 -7.64 -8.11
N LYS A 125 -7.85 -8.62 -8.81
CA LYS A 125 -8.64 -9.48 -9.69
C LYS A 125 -9.78 -10.18 -8.95
N LEU A 126 -9.47 -10.76 -7.79
CA LEU A 126 -10.51 -11.50 -7.07
C LEU A 126 -11.56 -10.57 -6.47
N ALA A 127 -11.19 -9.33 -6.15
CA ALA A 127 -12.11 -8.37 -5.55
C ALA A 127 -12.98 -7.65 -6.59
N LEU A 128 -12.53 -7.53 -7.83
CA LEU A 128 -13.24 -6.67 -8.79
C LEU A 128 -14.71 -7.04 -8.98
N PRO A 129 -15.12 -8.31 -9.02
CA PRO A 129 -16.56 -8.58 -9.19
C PRO A 129 -17.39 -7.94 -8.10
N TYR A 130 -16.87 -7.91 -6.88
CA TYR A 130 -17.61 -7.32 -5.77
C TYR A 130 -17.54 -5.80 -5.80
N LEU A 131 -16.37 -5.25 -6.20
CA LEU A 131 -16.23 -3.80 -6.33
C LEU A 131 -17.15 -3.27 -7.42
N ARG A 132 -17.37 -4.05 -8.48
CA ARG A 132 -18.32 -3.61 -9.50
C ARG A 132 -19.73 -3.49 -8.93
N LYS A 133 -20.13 -4.45 -8.08
CA LYS A 133 -21.47 -4.43 -7.51
C LYS A 133 -21.68 -3.21 -6.61
N SER A 134 -20.64 -2.76 -5.93
CA SER A 134 -20.72 -1.67 -4.98
C SER A 134 -20.23 -0.32 -5.53
N GLN A 135 -19.85 -0.28 -6.80
CA GLN A 135 -19.17 0.88 -7.38
C GLN A 135 -18.02 1.33 -6.50
N GLY A 136 -17.23 0.35 -6.07
CA GLY A 136 -16.13 0.58 -5.16
C GLY A 136 -14.87 1.01 -5.90
N ASN A 137 -13.75 0.91 -5.21
CA ASN A 137 -12.51 1.44 -5.78
C ASN A 137 -11.30 0.69 -5.24
N VAL A 138 -10.20 0.82 -5.99
CA VAL A 138 -8.92 0.20 -5.67
C VAL A 138 -7.92 1.31 -5.38
N ILE A 139 -7.12 1.13 -4.33
CA ILE A 139 -6.02 2.02 -3.98
C ILE A 139 -4.77 1.17 -3.86
N ASN A 140 -3.80 1.42 -4.73
CA ASN A 140 -2.52 0.74 -4.65
C ASN A 140 -1.47 1.67 -4.02
N ILE A 141 -0.63 1.11 -3.15
CA ILE A 141 0.45 1.85 -2.53
C ILE A 141 1.70 1.55 -3.32
N SER A 142 2.10 2.52 -4.13
CA SER A 142 3.28 2.41 -4.97
C SER A 142 4.46 3.06 -4.24
N SER A 143 5.22 3.93 -4.89
CA SER A 143 6.31 4.65 -4.28
C SER A 143 6.75 5.76 -5.21
N LEU A 144 7.17 6.87 -4.60
CA LEU A 144 7.82 7.92 -5.36
C LEU A 144 8.98 7.39 -6.20
N VAL A 145 9.71 6.40 -5.69
CA VAL A 145 10.91 5.98 -6.42
C VAL A 145 10.57 5.23 -7.70
N GLY A 146 9.34 4.76 -7.86
CA GLY A 146 8.93 4.25 -9.17
C GLY A 146 8.99 5.32 -10.25
N ALA A 147 8.76 6.57 -9.88
CA ALA A 147 8.71 7.68 -10.81
C ALA A 147 10.07 8.31 -11.06
N ILE A 148 10.90 8.41 -10.02
CA ILE A 148 12.15 9.16 -10.11
C ILE A 148 13.39 8.29 -9.94
N GLY A 149 13.25 7.02 -9.58
CA GLY A 149 14.40 6.17 -9.30
C GLY A 149 14.93 6.30 -7.89
N GLN A 150 15.77 5.32 -7.54
CA GLN A 150 16.46 5.27 -6.26
C GLN A 150 17.74 4.49 -6.48
N ALA A 151 18.77 4.81 -5.70
CA ALA A 151 20.03 4.10 -5.82
C ALA A 151 19.96 2.76 -5.10
N GLN A 152 20.72 1.79 -5.62
CA GLN A 152 20.88 0.46 -5.00
C GLN A 152 19.54 -0.22 -4.72
N ALA A 153 18.65 -0.16 -5.73
CA ALA A 153 17.30 -0.70 -5.59
C ALA A 153 16.65 -1.03 -6.93
N VAL A 154 17.41 -1.55 -7.88
CA VAL A 154 16.85 -1.82 -9.21
C VAL A 154 15.58 -2.65 -9.13
N PRO A 155 15.54 -3.80 -8.45
CA PRO A 155 14.30 -4.59 -8.41
C PRO A 155 13.16 -3.85 -7.75
N TYR A 156 13.37 -3.23 -6.60
CA TYR A 156 12.29 -2.52 -5.93
C TYR A 156 11.71 -1.44 -6.83
N VAL A 157 12.58 -0.61 -7.43
CA VAL A 157 12.11 0.48 -8.27
C VAL A 157 11.29 -0.06 -9.43
N ALA A 158 11.76 -1.14 -10.05
CA ALA A 158 11.02 -1.73 -11.15
C ALA A 158 9.64 -2.17 -10.70
N THR A 159 9.52 -2.78 -9.51
CA THR A 159 8.20 -3.24 -9.07
C THR A 159 7.25 -2.07 -8.90
N LYS A 160 7.74 -0.94 -8.40
CA LYS A 160 6.87 0.20 -8.14
C LYS A 160 6.51 0.93 -9.43
N GLY A 161 7.45 1.01 -10.37
CA GLY A 161 7.06 1.51 -11.69
C GLY A 161 5.95 0.68 -12.29
N ALA A 162 6.01 -0.66 -12.11
CA ALA A 162 4.97 -1.54 -12.61
C ALA A 162 3.64 -1.28 -11.93
N VAL A 163 3.64 -1.04 -10.62
CA VAL A 163 2.38 -0.83 -9.91
C VAL A 163 1.71 0.45 -10.38
N THR A 164 2.49 1.54 -10.51
CA THR A 164 1.91 2.81 -10.94
C THR A 164 1.34 2.68 -12.34
N ALA A 165 2.06 2.01 -13.24
CA ALA A 165 1.55 1.84 -14.59
C ALA A 165 0.32 0.96 -14.63
N MET A 166 0.35 -0.16 -13.92
CA MET A 166 -0.79 -1.08 -13.84
C MET A 166 -2.04 -0.37 -13.33
N THR A 167 -1.86 0.54 -12.38
CA THR A 167 -2.98 1.33 -11.86
C THR A 167 -3.69 2.08 -12.99
N LYS A 168 -2.92 2.68 -13.90
CA LYS A 168 -3.49 3.46 -14.99
C LYS A 168 -4.20 2.56 -15.99
N ALA A 169 -3.60 1.42 -16.32
CA ALA A 169 -4.23 0.47 -17.22
C ALA A 169 -5.57 -0.02 -16.68
N LEU A 170 -5.58 -0.43 -15.41
CA LEU A 170 -6.80 -0.96 -14.84
C LEU A 170 -7.85 0.13 -14.69
N ALA A 171 -7.43 1.36 -14.41
CA ALA A 171 -8.36 2.49 -14.37
C ALA A 171 -9.10 2.59 -15.69
N LEU A 172 -8.37 2.49 -16.81
CA LEU A 172 -9.02 2.52 -18.10
C LEU A 172 -10.01 1.38 -18.26
N ASP A 173 -9.61 0.17 -17.87
CA ASP A 173 -10.45 -1.00 -18.11
C ASP A 173 -11.69 -1.01 -17.24
N GLU A 174 -11.60 -0.49 -16.01
CA GLU A 174 -12.74 -0.56 -15.09
C GLU A 174 -13.60 0.70 -15.10
N SER A 175 -13.17 1.74 -15.81
CA SER A 175 -13.98 2.96 -15.87
C SER A 175 -15.40 2.74 -16.37
N PRO A 176 -15.64 1.91 -17.39
CA PRO A 176 -17.03 1.72 -17.84
C PRO A 176 -17.92 1.11 -16.79
N TYR A 177 -17.34 0.44 -15.81
CA TYR A 177 -18.08 -0.25 -14.80
C TYR A 177 -18.17 0.56 -13.52
N GLY A 178 -17.65 1.80 -13.51
CA GLY A 178 -17.80 2.67 -12.38
C GLY A 178 -16.84 2.41 -11.23
N VAL A 179 -15.79 1.61 -11.45
CA VAL A 179 -14.81 1.30 -10.42
C VAL A 179 -13.59 2.16 -10.70
N ARG A 180 -13.24 3.02 -9.74
CA ARG A 180 -12.04 3.82 -9.83
C ARG A 180 -10.82 3.06 -9.33
N VAL A 181 -9.65 3.36 -9.90
CA VAL A 181 -8.41 2.69 -9.55
C VAL A 181 -7.34 3.77 -9.46
N ASN A 182 -6.77 3.97 -8.27
CA ASN A 182 -5.82 5.03 -8.05
C ASN A 182 -4.65 4.47 -7.26
N CYS A 183 -3.57 5.24 -7.20
CA CYS A 183 -2.44 4.87 -6.36
C CYS A 183 -1.95 6.07 -5.56
N ILE A 184 -1.30 5.73 -4.45
CA ILE A 184 -0.57 6.68 -3.62
C ILE A 184 0.90 6.33 -3.73
N SER A 185 1.72 7.33 -3.99
CA SER A 185 3.17 7.15 -4.02
C SER A 185 3.78 7.88 -2.84
N PRO A 186 4.03 7.18 -1.73
CA PRO A 186 4.68 7.82 -0.59
C PRO A 186 6.16 7.97 -0.88
N GLY A 187 6.73 8.96 -0.21
CA GLY A 187 8.18 9.07 -0.05
C GLY A 187 8.58 8.47 1.28
N ASN A 188 9.54 9.11 1.93
CA ASN A 188 10.03 8.62 3.21
C ASN A 188 8.93 8.72 4.26
N ILE A 189 8.40 7.57 4.67
CA ILE A 189 7.43 7.48 5.77
C ILE A 189 8.09 6.69 6.91
N TRP A 190 8.00 7.21 8.12
CA TRP A 190 8.65 6.56 9.27
C TRP A 190 7.82 5.36 9.68
N THR A 191 8.33 4.18 9.44
CA THR A 191 7.64 2.91 9.67
C THR A 191 8.65 1.90 10.19
N PRO A 192 8.19 0.73 10.66
CA PRO A 192 9.16 -0.29 11.07
C PRO A 192 10.09 -0.73 9.93
N LEU A 193 9.63 -0.78 8.68
CA LEU A 193 10.57 -1.09 7.58
C LEU A 193 11.66 -0.03 7.50
N TRP A 194 11.30 1.26 7.56
CA TRP A 194 12.33 2.30 7.54
C TRP A 194 13.32 2.09 8.67
N GLU A 195 12.82 1.79 9.88
CA GLU A 195 13.69 1.60 11.03
C GLU A 195 14.60 0.39 10.84
N GLU A 196 14.05 -0.69 10.25
CA GLU A 196 14.82 -1.90 10.01
C GLU A 196 15.94 -1.68 9.00
N LEU A 197 15.63 -0.99 7.90
CA LEU A 197 16.67 -0.72 6.91
C LEU A 197 17.75 0.18 7.47
N ALA A 198 17.37 1.20 8.23
CA ALA A 198 18.38 2.09 8.81
C ALA A 198 19.28 1.33 9.77
N ALA A 199 18.75 0.35 10.49
CA ALA A 199 19.56 -0.39 11.46
C ALA A 199 20.65 -1.22 10.78
N LEU A 200 20.50 -1.52 9.50
CA LEU A 200 21.52 -2.24 8.73
C LEU A 200 22.68 -1.36 8.31
N MET A 201 22.59 -0.06 8.49
CA MET A 201 23.58 0.85 7.96
C MET A 201 24.69 1.06 8.97
N PRO A 202 25.87 1.47 8.50
CA PRO A 202 26.98 1.75 9.44
C PRO A 202 26.59 2.72 10.54
N ASP A 203 25.96 3.84 10.17
CA ASP A 203 25.51 4.85 11.11
C ASP A 203 24.00 4.99 10.91
N PRO A 204 23.19 4.21 11.64
CA PRO A 204 21.74 4.34 11.50
C PRO A 204 21.22 5.73 11.80
N ARG A 205 21.81 6.42 12.78
CA ARG A 205 21.37 7.76 13.12
C ARG A 205 21.57 8.71 11.96
N ALA A 206 22.74 8.65 11.32
CA ALA A 206 23.00 9.50 10.17
C ALA A 206 22.06 9.16 9.02
N THR A 207 21.80 7.88 8.79
CA THR A 207 20.87 7.48 7.74
C THR A 207 19.50 8.09 7.97
N ILE A 208 19.02 8.06 9.22
CA ILE A 208 17.72 8.63 9.54
C ILE A 208 17.72 10.13 9.37
N ARG A 209 18.75 10.81 9.89
CA ARG A 209 18.83 12.25 9.70
C ARG A 209 18.80 12.61 8.23
N GLU A 210 19.55 11.87 7.41
CA GLU A 210 19.55 12.10 5.97
C GLU A 210 18.17 11.88 5.37
N GLY A 211 17.44 10.88 5.89
CA GLY A 211 16.09 10.64 5.41
C GLY A 211 15.14 11.77 5.71
N MET A 212 15.26 12.37 6.90
CA MET A 212 14.42 13.51 7.25
C MET A 212 14.72 14.71 6.37
N LEU A 213 16.01 14.96 6.12
CA LEU A 213 16.43 16.14 5.38
C LEU A 213 16.20 16.02 3.88
N ALA A 214 15.79 14.85 3.39
CA ALA A 214 15.57 14.66 1.96
C ALA A 214 14.29 15.33 1.49
N GLN A 215 13.44 15.76 2.40
CA GLN A 215 12.18 16.43 2.11
C GLN A 215 12.33 17.91 2.42
N PRO A 216 11.87 18.80 1.53
CA PRO A 216 11.75 20.21 1.93
C PRO A 216 11.05 20.45 3.25
N LEU A 217 10.05 19.62 3.62
CA LEU A 217 9.38 19.78 4.90
C LEU A 217 10.24 19.40 6.09
N GLY A 218 11.39 18.78 5.88
CA GLY A 218 12.35 18.58 6.95
C GLY A 218 12.04 17.48 7.94
N ARG A 219 11.09 16.61 7.61
CA ARG A 219 10.75 15.47 8.43
C ARG A 219 10.30 14.35 7.49
N MET A 220 10.21 13.15 8.02
CA MET A 220 9.57 12.07 7.31
C MET A 220 8.06 12.16 7.52
N GLY A 221 7.33 11.45 6.68
CA GLY A 221 5.88 11.38 6.79
C GLY A 221 5.44 10.34 7.79
N GLN A 222 4.14 10.37 8.10
CA GLN A 222 3.55 9.45 9.05
C GLN A 222 2.56 8.53 8.37
N PRO A 223 2.40 7.30 8.86
CA PRO A 223 1.32 6.42 8.37
C PRO A 223 -0.04 7.09 8.35
N ALA A 224 -0.35 7.90 9.37
CA ALA A 224 -1.64 8.59 9.41
C ALA A 224 -1.85 9.50 8.21
N GLU A 225 -0.77 10.09 7.68
CA GLU A 225 -0.90 10.98 6.54
C GLU A 225 -1.19 10.19 5.27
N VAL A 226 -0.56 9.02 5.11
CA VAL A 226 -0.92 8.17 4.00
C VAL A 226 -2.36 7.70 4.16
N GLY A 227 -2.76 7.42 5.40
CA GLY A 227 -4.12 6.98 5.66
C GLY A 227 -5.16 8.02 5.27
N ALA A 228 -4.90 9.30 5.57
CA ALA A 228 -5.84 10.35 5.20
C ALA A 228 -5.94 10.45 3.68
N ALA A 229 -4.82 10.30 2.98
CA ALA A 229 -4.87 10.32 1.52
C ALA A 229 -5.70 9.17 0.97
N ALA A 230 -5.61 7.98 1.60
CA ALA A 230 -6.39 6.83 1.15
C ALA A 230 -7.87 7.06 1.40
N VAL A 231 -8.24 7.62 2.55
CA VAL A 231 -9.64 7.87 2.81
C VAL A 231 -10.20 8.90 1.83
N PHE A 232 -9.40 9.91 1.47
CA PHE A 232 -9.83 10.88 0.46
C PHE A 232 -10.11 10.18 -0.86
N LEU A 233 -9.18 9.33 -1.29
CA LEU A 233 -9.35 8.67 -2.58
C LEU A 233 -10.58 7.79 -2.58
N ALA A 234 -10.86 7.11 -1.48
CA ALA A 234 -11.99 6.19 -1.43
C ALA A 234 -13.31 6.94 -1.37
N SER A 235 -13.37 7.98 -0.53
CA SER A 235 -14.65 8.54 -0.09
C SER A 235 -15.04 9.84 -0.78
N GLU A 236 -14.09 10.61 -1.32
CA GLU A 236 -14.39 11.95 -1.81
C GLU A 236 -13.83 12.25 -3.19
N ALA A 237 -13.02 11.37 -3.78
CA ALA A 237 -12.35 11.66 -5.05
C ALA A 237 -13.09 11.00 -6.21
N ASN A 238 -14.39 11.27 -6.32
CA ASN A 238 -15.26 10.54 -7.23
C ASN A 238 -14.97 10.82 -8.70
N PHE A 239 -14.23 11.88 -9.04
CA PHE A 239 -13.81 12.17 -10.40
C PHE A 239 -12.33 11.89 -10.62
N CYS A 240 -11.68 11.21 -9.69
CA CYS A 240 -10.28 10.82 -9.84
C CYS A 240 -10.22 9.33 -10.13
N THR A 241 -9.60 8.98 -11.25
CA THR A 241 -9.24 7.61 -11.54
C THR A 241 -7.93 7.62 -12.30
N GLY A 242 -7.09 6.64 -11.99
CA GLY A 242 -5.80 6.53 -12.63
C GLY A 242 -4.78 7.54 -12.17
N ILE A 243 -5.01 8.19 -11.00
CA ILE A 243 -4.06 9.19 -10.52
C ILE A 243 -3.00 8.55 -9.64
N GLU A 244 -1.89 9.26 -9.54
CA GLU A 244 -0.79 8.95 -8.64
C GLU A 244 -0.70 10.10 -7.64
N LEU A 245 -1.14 9.85 -6.41
CA LEU A 245 -1.19 10.89 -5.38
C LEU A 245 0.10 10.84 -4.57
N LEU A 246 0.93 11.89 -4.71
CA LEU A 246 2.25 11.94 -4.08
C LEU A 246 2.11 12.37 -2.63
N VAL A 247 2.66 11.56 -1.72
CA VAL A 247 2.70 11.89 -0.30
C VAL A 247 4.16 11.78 0.12
N THR A 248 4.94 12.83 -0.19
CA THR A 248 6.39 12.76 -0.21
C THR A 248 7.06 13.93 0.49
N GLY A 249 6.30 14.91 0.98
CA GLY A 249 6.91 16.08 1.60
C GLY A 249 7.76 16.93 0.67
N GLY A 250 7.53 16.82 -0.64
CA GLY A 250 8.28 17.59 -1.61
C GLY A 250 9.60 17.01 -2.07
N ALA A 251 9.87 15.74 -1.77
CA ALA A 251 11.19 15.17 -2.07
C ALA A 251 11.54 15.23 -3.56
N GLU A 252 10.52 15.18 -4.44
CA GLU A 252 10.75 15.20 -5.87
C GLU A 252 11.03 16.59 -6.44
N LEU A 253 10.91 17.64 -5.62
CA LEU A 253 11.07 19.01 -6.07
C LEU A 253 12.52 19.43 -6.00
N GLY A 254 12.95 20.21 -6.98
CA GLY A 254 14.27 20.81 -6.99
C GLY A 254 15.41 19.83 -7.15
N TYR A 255 16.62 20.39 -7.02
CA TYR A 255 17.90 19.72 -7.18
C TYR A 255 18.37 19.07 -5.89
N PRO A 268 34.58 22.15 -15.08
CA PRO A 268 33.26 22.01 -14.45
C PRO A 268 32.31 21.19 -15.30
N ASP A 269 32.53 21.21 -16.61
CA ASP A 269 31.65 20.55 -17.58
C ASP A 269 32.35 19.40 -18.30
N ILE A 270 33.32 18.75 -17.64
CA ILE A 270 33.97 17.57 -18.22
C ILE A 270 34.38 16.56 -17.15
NA NA B . -12.02 -5.27 16.36
PA NAD C . 6.32 -2.41 6.82
O1A NAD C . 7.33 -3.46 6.57
O2A NAD C . 6.50 -1.54 8.07
O5B NAD C . 4.87 -3.03 6.85
C5B NAD C . 4.50 -3.93 5.79
C4B NAD C . 3.44 -4.87 6.30
O4B NAD C . 3.08 -5.75 5.21
C3B NAD C . 3.90 -5.77 7.46
O3B NAD C . 2.92 -5.85 8.49
C2B NAD C . 4.14 -7.12 6.77
O2B NAD C . 4.02 -8.25 7.62
C1B NAD C . 3.08 -7.08 5.69
N9A NAD C . 3.36 -7.97 4.58
C8A NAD C . 4.58 -8.20 3.98
N7A NAD C . 4.57 -9.17 3.11
C5A NAD C . 3.25 -9.61 3.12
C6A NAD C . 2.58 -10.64 2.42
N6A NAD C . 3.18 -11.47 1.56
N1A NAD C . 1.26 -10.81 2.65
C2A NAD C . 0.65 -9.99 3.53
N3A NAD C . 1.17 -9.00 4.26
C4A NAD C . 2.49 -8.87 4.01
O3 NAD C . 6.37 -1.47 5.54
PN NAD C . 5.85 0.00 5.23
O1N NAD C . 7.00 0.92 5.36
O2N NAD C . 4.65 0.27 6.03
O5D NAD C . 5.44 -0.13 3.69
C5D NAD C . 4.09 -0.43 3.27
C4D NAD C . 4.03 -0.18 1.79
O4D NAD C . 4.40 1.19 1.51
C3D NAD C . 4.94 -1.05 0.91
O3D NAD C . 4.28 -1.33 -0.33
C2D NAD C . 6.12 -0.13 0.64
O2D NAD C . 6.74 -0.48 -0.60
C1D NAD C . 5.39 1.21 0.51
N1N NAD C . 6.26 2.43 0.71
C2N NAD C . 6.83 2.65 1.91
C3N NAD C . 7.62 3.76 2.11
C7N NAD C . 8.28 4.14 3.40
O7N NAD C . 9.03 5.11 3.44
N7N NAD C . 8.02 3.37 4.49
C4N NAD C . 7.81 4.64 1.05
C5N NAD C . 7.18 4.41 -0.17
C6N NAD C . 6.42 3.29 -0.32
C2 BGC D . 4.52 3.72 14.08
C3 BGC D . 5.39 4.59 14.98
C4 BGC D . 6.85 4.12 14.94
C5 BGC D . 7.31 4.02 13.51
C6 BGC D . 8.73 3.50 13.35
C1 BGC D . 5.14 3.58 12.68
O1 BGC D . 4.37 2.71 11.92
O2 BGC D . 3.23 4.30 13.96
O3 BGC D . 4.90 4.55 16.32
O4 BGC D . 7.67 5.05 15.64
O5 BGC D . 6.47 3.09 12.81
O6 BGC D . 8.85 2.18 13.86
C16 9JQ E . 16.91 3.57 0.89
C17 9JQ E . 17.27 2.45 0.18
C18 9JQ E . 18.11 2.52 -0.94
C15 9JQ E . 17.42 4.81 0.47
C13 9JQ E . 18.64 3.74 -1.37
C11 9JQ E . 14.11 3.06 3.96
C12 9JQ E . 15.43 3.30 4.34
C10 9JQ E . 13.76 2.99 2.62
C01 9JQ E . 11.86 3.60 1.19
C02 9JQ E . 12.21 4.96 1.07
C03 9JQ E . 11.65 5.79 0.11
C04 9JQ E . 10.73 5.22 -0.76
F01 9JQ E . 10.18 6.01 -1.71
C05 9JQ E . 10.40 3.87 -0.67
O01 9JQ E . 9.50 3.34 -1.53
C06 9JQ E . 10.94 3.04 0.30
N01 9JQ E . 12.43 2.80 2.19
C07 9JQ E . 11.49 2.33 3.20
C08 9JQ E . 16.40 3.46 3.36
C09 9JQ E . 16.00 3.41 2.03
N02 9JQ E . 14.70 3.17 1.67
C14 9JQ E . 18.28 4.89 -0.65
F02 9JQ E . 16.80 1.24 0.51
O02 9JQ E . 18.41 1.36 -1.58
#